data_6H3R
#
_entry.id   6H3R
#
_cell.length_a   80.140
_cell.length_b   80.140
_cell.length_c   143.840
_cell.angle_alpha   90.00
_cell.angle_beta   90.00
_cell.angle_gamma   90.00
#
_symmetry.space_group_name_H-M   'P 43 21 2'
#
loop_
_entity.id
_entity.type
_entity.pdbx_description
1 polymer 'Mothers against decapentaplegic homolog'
2 polymer "DNA (5'-D(P*GP*AP*GP*TP*GP*TP*CP*TP*GP*CP*AP*GP*AP*CP*AP*CP*TP*C)-3')"
3 non-polymer 'ZINC ION'
4 water water
#
loop_
_entity_poly.entity_id
_entity_poly.type
_entity_poly.pdbx_seq_one_letter_code
_entity_poly.pdbx_strand_id
1 'polypeptide(L)'
;GSSPVVKRLLGWKKSAGGSGGAGGGEQNGQEEKWSEKAVKSLVKKLKKTGRLDELEKAITTQNMNTKCVTIPRSLDGRLQ
VSHRKGLPHVIYCRLWRWPDLHSHHELKAIENCEYAFNLKKDEVCVNPYHYQRVETPSS
;
A,B
2 'polydeoxyribonucleotide' (DG)(DA)(DG)(DT)(DG)(DT)(DC)(DT)(DG)(DC)(DA)(DG)(DA)(DC)(DA)(DC)(DT)(DC) C,D
#
# COMPACT_ATOMS: atom_id res chain seq x y z
N SER A 2 -17.38 31.35 -3.98
CA SER A 2 -17.59 29.90 -3.87
C SER A 2 -16.65 29.11 -4.83
N SER A 3 -15.98 28.02 -4.32
CA SER A 3 -15.01 27.20 -5.06
C SER A 3 -15.59 25.93 -5.76
N PRO A 4 -15.25 25.70 -7.06
CA PRO A 4 -15.78 24.51 -7.76
C PRO A 4 -15.12 23.21 -7.34
N VAL A 5 -13.81 23.23 -6.97
CA VAL A 5 -13.12 22.03 -6.49
C VAL A 5 -13.71 21.60 -5.15
N VAL A 6 -14.06 22.57 -4.26
CA VAL A 6 -14.71 22.31 -2.97
C VAL A 6 -16.04 21.57 -3.20
N LYS A 7 -16.84 22.03 -4.19
CA LYS A 7 -18.12 21.43 -4.57
C LYS A 7 -17.89 20.00 -5.09
N ARG A 8 -16.89 19.84 -6.00
CA ARG A 8 -16.49 18.56 -6.62
C ARG A 8 -16.14 17.52 -5.58
N LEU A 9 -15.22 17.87 -4.64
CA LEU A 9 -14.74 17.01 -3.54
C LEU A 9 -15.84 16.65 -2.55
N LEU A 10 -16.76 17.57 -2.29
CA LEU A 10 -17.90 17.31 -1.40
C LEU A 10 -18.87 16.30 -2.04
N GLY A 11 -18.80 16.14 -3.37
CA GLY A 11 -19.58 15.15 -4.10
C GLY A 11 -19.05 13.74 -3.88
N TRP A 12 -18.03 13.59 -3.01
CA TRP A 12 -17.38 12.33 -2.65
C TRP A 12 -17.49 11.98 -1.16
N LYS A 13 -18.10 12.89 -0.35
CA LYS A 13 -18.32 12.71 1.10
C LYS A 13 -19.21 11.49 1.30
N LYS A 14 -18.91 10.66 2.33
CA LYS A 14 -19.66 9.42 2.60
C LYS A 14 -20.76 9.56 3.68
N SER A 15 -21.83 8.71 3.58
CA SER A 15 -23.05 8.59 4.42
C SER A 15 -23.32 9.71 5.44
N ASN A 28 -28.79 17.31 10.99
CA ASN A 28 -28.26 16.89 9.69
C ASN A 28 -27.56 18.06 8.95
N GLY A 29 -28.25 19.20 8.86
CA GLY A 29 -27.78 20.42 8.19
C GLY A 29 -26.58 21.09 8.82
N GLN A 30 -26.43 20.99 10.16
CA GLN A 30 -25.31 21.55 10.92
C GLN A 30 -24.00 20.88 10.55
N GLU A 31 -24.04 19.55 10.30
CA GLU A 31 -22.90 18.73 9.90
C GLU A 31 -22.54 18.93 8.42
N GLU A 32 -23.57 19.17 7.57
CA GLU A 32 -23.44 19.42 6.12
C GLU A 32 -22.52 20.65 5.90
N LYS A 33 -22.76 21.72 6.71
CA LYS A 33 -21.99 22.96 6.69
C LYS A 33 -20.56 22.71 7.27
N TRP A 34 -20.43 21.83 8.30
CA TRP A 34 -19.11 21.55 8.89
C TRP A 34 -18.14 20.84 7.92
N SER A 35 -18.60 19.85 7.19
CA SER A 35 -17.82 19.07 6.23
C SER A 35 -17.36 19.96 5.08
N GLU A 36 -18.19 20.96 4.76
CA GLU A 36 -17.88 21.94 3.72
C GLU A 36 -16.72 22.80 4.22
N LYS A 37 -16.75 23.17 5.52
CA LYS A 37 -15.74 23.99 6.17
C LYS A 37 -14.40 23.25 6.21
N ALA A 38 -14.43 21.97 6.59
CA ALA A 38 -13.27 21.08 6.63
C ALA A 38 -12.66 20.97 5.24
N VAL A 39 -13.50 20.81 4.19
CA VAL A 39 -13.03 20.74 2.79
C VAL A 39 -12.40 22.06 2.36
N LYS A 40 -13.10 23.21 2.57
CA LYS A 40 -12.58 24.55 2.23
C LYS A 40 -11.24 24.84 2.92
N SER A 41 -11.07 24.38 4.18
CA SER A 41 -9.84 24.52 4.98
C SER A 41 -8.65 23.84 4.30
N LEU A 42 -8.83 22.56 3.92
CA LEU A 42 -7.79 21.77 3.26
C LEU A 42 -7.45 22.33 1.91
N VAL A 43 -8.46 22.65 1.09
CA VAL A 43 -8.31 23.25 -0.23
C VAL A 43 -7.45 24.53 -0.17
N LYS A 44 -7.72 25.42 0.82
CA LYS A 44 -6.93 26.66 1.04
C LYS A 44 -5.43 26.34 1.27
N LYS A 45 -5.14 25.31 2.11
CA LYS A 45 -3.81 24.82 2.44
C LYS A 45 -3.05 24.21 1.23
N LEU A 46 -3.73 23.33 0.44
CA LEU A 46 -3.17 22.64 -0.74
C LEU A 46 -3.01 23.50 -1.99
N LYS A 47 -3.81 24.57 -2.15
CA LYS A 47 -3.67 25.49 -3.28
C LYS A 47 -2.29 26.16 -3.27
N LYS A 48 -1.67 26.29 -2.07
CA LYS A 48 -0.34 26.87 -1.81
C LYS A 48 0.78 25.87 -2.14
N THR A 49 0.53 24.57 -1.97
CA THR A 49 1.53 23.53 -2.17
C THR A 49 1.38 22.76 -3.51
N GLY A 50 0.31 23.04 -4.26
CA GLY A 50 0.03 22.41 -5.55
C GLY A 50 -0.35 20.94 -5.50
N ARG A 51 -0.63 20.41 -4.29
CA ARG A 51 -1.03 19.02 -4.08
C ARG A 51 -2.56 18.82 -4.17
N LEU A 52 -3.30 19.87 -4.63
CA LEU A 52 -4.75 19.83 -4.78
C LEU A 52 -5.17 18.88 -5.90
N ASP A 53 -4.37 18.81 -6.97
CA ASP A 53 -4.65 17.90 -8.08
C ASP A 53 -4.48 16.43 -7.67
N GLU A 54 -3.41 16.11 -6.90
CA GLU A 54 -3.15 14.76 -6.38
C GLU A 54 -4.22 14.30 -5.41
N LEU A 55 -4.86 15.23 -4.66
CA LEU A 55 -5.95 14.88 -3.74
C LEU A 55 -7.21 14.51 -4.54
N GLU A 56 -7.56 15.31 -5.55
CA GLU A 56 -8.72 15.03 -6.41
C GLU A 56 -8.54 13.68 -7.11
N LYS A 57 -7.31 13.38 -7.57
CA LYS A 57 -6.93 12.13 -8.24
C LYS A 57 -7.12 10.92 -7.28
N ALA A 58 -6.73 11.08 -6.02
CA ALA A 58 -6.86 10.04 -5.02
C ALA A 58 -8.31 9.76 -4.69
N ILE A 59 -9.10 10.81 -4.45
CA ILE A 59 -10.52 10.70 -4.07
C ILE A 59 -11.34 10.10 -5.19
N THR A 60 -11.15 10.58 -6.43
CA THR A 60 -11.91 10.14 -7.60
C THR A 60 -11.46 8.79 -8.18
N THR A 61 -10.15 8.50 -8.26
CA THR A 61 -9.69 7.20 -8.79
C THR A 61 -9.59 6.09 -7.70
N GLN A 62 -9.55 6.46 -6.38
CA GLN A 62 -9.41 5.55 -5.22
C GLN A 62 -8.08 4.75 -5.31
N ASN A 63 -7.05 5.42 -5.81
CA ASN A 63 -5.74 4.83 -6.05
C ASN A 63 -4.83 5.13 -4.90
N MET A 64 -4.20 4.09 -4.35
CA MET A 64 -3.24 4.23 -3.24
C MET A 64 -1.85 4.64 -3.70
N ASN A 65 -1.55 4.43 -4.99
CA ASN A 65 -0.24 4.79 -5.55
C ASN A 65 -0.08 6.28 -5.84
N THR A 66 -1.10 7.10 -5.51
CA THR A 66 -1.08 8.56 -5.68
C THR A 66 -0.05 9.14 -4.70
N LYS A 67 0.46 10.37 -4.93
CA LYS A 67 1.46 10.98 -4.03
C LYS A 67 0.85 11.38 -2.63
N CYS A 68 1.71 11.70 -1.65
CA CYS A 68 1.20 12.10 -0.33
C CYS A 68 0.59 13.51 -0.43
N VAL A 69 -0.54 13.73 0.24
CA VAL A 69 -1.26 15.00 0.23
C VAL A 69 -1.07 15.52 1.64
N THR A 70 -0.04 16.38 1.83
CA THR A 70 0.37 16.86 3.14
C THR A 70 -0.04 18.25 3.53
N ILE A 71 -0.20 18.42 4.83
CA ILE A 71 -0.44 19.70 5.50
C ILE A 71 0.53 19.76 6.70
N PRO A 72 0.96 20.97 7.15
CA PRO A 72 1.86 21.05 8.32
C PRO A 72 1.35 20.37 9.60
N ARG A 73 2.26 19.69 10.33
CA ARG A 73 1.98 19.04 11.61
C ARG A 73 1.95 20.10 12.72
N SER A 74 0.86 20.16 13.49
CA SER A 74 0.73 21.06 14.65
C SER A 74 1.39 20.30 15.82
N LEU A 75 1.78 20.97 16.91
CA LEU A 75 2.46 20.33 18.04
C LEU A 75 1.69 19.17 18.68
N ASP A 76 0.36 19.24 18.70
CA ASP A 76 -0.42 18.17 19.35
C ASP A 76 -1.03 17.23 18.33
N GLY A 77 -0.89 17.58 17.05
CA GLY A 77 -1.37 16.81 15.92
C GLY A 77 -2.75 17.21 15.44
N ARG A 78 -3.48 17.95 16.24
CA ARG A 78 -4.84 18.33 15.90
C ARG A 78 -4.94 19.50 14.91
N LEU A 79 -6.15 19.60 14.34
CA LEU A 79 -6.55 20.61 13.38
C LEU A 79 -7.88 21.11 13.86
N GLN A 80 -8.07 22.43 13.84
CA GLN A 80 -9.32 23.04 14.19
C GLN A 80 -10.02 23.56 12.96
N VAL A 81 -11.23 23.09 12.76
CA VAL A 81 -12.13 23.51 11.70
C VAL A 81 -13.35 24.05 12.44
N SER A 82 -13.66 25.34 12.21
CA SER A 82 -14.70 26.10 12.89
C SER A 82 -14.23 26.16 14.35
N HIS A 83 -14.88 25.39 15.24
CA HIS A 83 -14.63 25.29 16.67
C HIS A 83 -14.32 23.85 17.11
N ARG A 84 -14.30 22.91 16.16
CA ARG A 84 -14.03 21.52 16.42
C ARG A 84 -12.58 21.14 16.12
N LYS A 85 -11.98 20.33 17.02
CA LYS A 85 -10.60 19.85 16.92
C LYS A 85 -10.63 18.39 16.57
N GLY A 86 -9.55 17.90 15.97
CA GLY A 86 -9.44 16.52 15.54
C GLY A 86 -8.19 16.29 14.72
N LEU A 87 -7.74 15.04 14.63
CA LEU A 87 -6.55 14.66 13.87
C LEU A 87 -6.91 14.73 12.40
N PRO A 88 -6.23 15.59 11.59
CA PRO A 88 -6.62 15.77 10.19
C PRO A 88 -6.78 14.50 9.36
N HIS A 89 -5.84 13.51 9.46
CA HIS A 89 -5.96 12.26 8.71
C HIS A 89 -7.23 11.51 9.03
N VAL A 90 -7.68 11.61 10.30
CA VAL A 90 -8.93 11.00 10.77
C VAL A 90 -10.10 11.76 10.16
N ILE A 91 -10.13 13.11 10.29
CA ILE A 91 -11.16 14.02 9.75
C ILE A 91 -11.47 13.72 8.31
N TYR A 92 -10.42 13.58 7.48
CA TYR A 92 -10.52 13.41 6.03
C TYR A 92 -10.76 11.96 5.60
N CYS A 93 -10.29 10.95 6.38
CA CYS A 93 -10.63 9.54 6.08
C CYS A 93 -12.09 9.31 6.44
N ARG A 94 -12.60 9.94 7.52
CA ARG A 94 -14.00 9.87 7.97
C ARG A 94 -14.94 10.54 6.95
N LEU A 95 -14.44 11.57 6.32
CA LEU A 95 -15.19 12.34 5.35
C LEU A 95 -15.33 11.59 4.05
N TRP A 96 -14.23 11.07 3.51
CA TRP A 96 -14.30 10.45 2.21
C TRP A 96 -14.35 8.93 2.18
N ARG A 97 -14.19 8.23 3.32
CA ARG A 97 -14.17 6.77 3.30
C ARG A 97 -15.00 6.05 4.37
N TRP A 98 -14.81 6.40 5.66
CA TRP A 98 -15.46 5.70 6.78
C TRP A 98 -16.18 6.68 7.72
N PRO A 99 -17.44 7.07 7.40
CA PRO A 99 -18.16 8.04 8.25
C PRO A 99 -18.32 7.67 9.72
N ASP A 100 -18.23 6.36 10.00
CA ASP A 100 -18.38 5.79 11.33
C ASP A 100 -17.06 5.70 12.09
N LEU A 101 -15.92 6.06 11.47
CA LEU A 101 -14.61 5.96 12.10
C LEU A 101 -14.58 6.72 13.45
N HIS A 102 -13.91 6.16 14.48
CA HIS A 102 -13.85 6.76 15.81
C HIS A 102 -12.43 7.13 16.29
N SER A 103 -11.40 6.36 15.88
CA SER A 103 -10.03 6.62 16.34
C SER A 103 -8.95 6.52 15.26
N HIS A 104 -7.74 7.04 15.56
CA HIS A 104 -6.57 6.95 14.69
C HIS A 104 -5.97 5.56 14.77
N HIS A 105 -6.36 4.77 15.80
CA HIS A 105 -5.95 3.39 16.06
C HIS A 105 -6.61 2.42 15.09
N GLU A 106 -7.72 2.84 14.45
CA GLU A 106 -8.46 2.04 13.46
C GLU A 106 -7.85 2.25 12.10
N LEU A 107 -6.81 3.09 12.00
CA LEU A 107 -6.14 3.44 10.73
C LEU A 107 -4.69 3.01 10.75
N LYS A 108 -4.23 2.41 9.67
CA LYS A 108 -2.85 1.98 9.47
C LYS A 108 -2.42 2.51 8.12
N ALA A 109 -1.37 3.35 8.07
CA ALA A 109 -0.86 3.91 6.82
C ALA A 109 -0.18 2.84 5.98
N ILE A 110 -0.17 3.03 4.65
CA ILE A 110 0.49 2.12 3.71
C ILE A 110 2.02 2.30 3.81
N GLU A 111 2.81 1.29 3.39
CA GLU A 111 4.27 1.38 3.47
C GLU A 111 4.81 2.52 2.58
N ASN A 112 4.16 2.74 1.42
CA ASN A 112 4.50 3.80 0.48
C ASN A 112 4.19 5.25 1.02
N CYS A 113 3.40 5.37 2.13
CA CYS A 113 3.06 6.66 2.72
C CYS A 113 4.25 7.31 3.44
N GLU A 114 4.95 8.23 2.74
CA GLU A 114 6.15 8.93 3.22
C GLU A 114 5.89 9.81 4.43
N TYR A 115 4.73 10.48 4.49
CA TYR A 115 4.37 11.42 5.56
C TYR A 115 3.20 10.95 6.44
N ALA A 116 3.14 9.65 6.72
CA ALA A 116 2.12 9.06 7.58
C ALA A 116 2.05 9.78 8.93
N PHE A 117 0.85 9.81 9.51
CA PHE A 117 0.61 10.46 10.79
C PHE A 117 1.53 9.90 11.92
N ASN A 118 1.68 8.56 11.99
CA ASN A 118 2.47 7.91 13.05
C ASN A 118 3.97 8.23 12.98
N LEU A 119 4.48 8.64 11.80
CA LEU A 119 5.87 8.99 11.55
C LEU A 119 6.30 10.29 12.21
N LYS A 120 5.32 11.15 12.53
CA LYS A 120 5.48 12.44 13.20
C LYS A 120 6.53 13.35 12.50
N LYS A 121 6.44 13.41 11.16
CA LYS A 121 7.29 14.24 10.32
C LYS A 121 6.80 15.71 10.41
N ASP A 122 7.52 16.66 9.79
CA ASP A 122 7.13 18.09 9.80
C ASP A 122 5.82 18.37 9.02
N GLU A 123 5.38 17.37 8.23
CA GLU A 123 4.13 17.38 7.44
C GLU A 123 3.36 16.11 7.75
N VAL A 124 2.05 16.16 7.59
CA VAL A 124 1.21 15.00 7.83
C VAL A 124 0.38 14.69 6.57
N CYS A 125 0.30 13.41 6.17
CA CYS A 125 -0.47 13.04 5.00
C CYS A 125 -1.91 12.81 5.34
N VAL A 126 -2.81 13.46 4.58
CA VAL A 126 -4.26 13.38 4.74
C VAL A 126 -4.92 12.74 3.49
N ASN A 127 -4.12 12.01 2.68
CA ASN A 127 -4.59 11.30 1.51
C ASN A 127 -5.34 10.07 2.06
N PRO A 128 -6.70 10.03 1.96
CA PRO A 128 -7.43 8.92 2.58
C PRO A 128 -7.07 7.56 2.03
N TYR A 129 -6.39 7.52 0.88
CA TYR A 129 -6.06 6.25 0.24
C TYR A 129 -4.63 5.83 0.56
N HIS A 130 -4.06 6.47 1.57
CA HIS A 130 -2.75 6.12 2.14
C HIS A 130 -2.95 5.51 3.52
N TYR A 131 -4.23 5.34 3.92
CA TYR A 131 -4.66 4.74 5.20
C TYR A 131 -5.62 3.59 4.99
N GLN A 132 -5.47 2.55 5.79
CA GLN A 132 -6.26 1.32 5.72
C GLN A 132 -6.98 1.10 7.06
N ARG A 133 -8.27 0.75 7.05
CA ARG A 133 -9.01 0.50 8.28
C ARG A 133 -8.61 -0.85 8.84
N VAL A 134 -8.15 -0.93 10.10
CA VAL A 134 -7.74 -2.23 10.68
C VAL A 134 -8.83 -2.88 11.55
N SER B 2 18.81 -27.18 1.21
CA SER B 2 20.14 -27.79 1.02
C SER B 2 21.22 -26.72 0.73
N SER B 3 20.84 -25.69 -0.06
CA SER B 3 21.61 -24.49 -0.43
C SER B 3 21.59 -23.55 0.81
N PRO B 4 22.65 -22.75 1.11
CA PRO B 4 22.60 -21.89 2.31
C PRO B 4 21.68 -20.68 2.17
N VAL B 5 21.55 -20.12 0.94
CA VAL B 5 20.64 -18.99 0.70
C VAL B 5 19.22 -19.47 0.85
N VAL B 6 18.93 -20.74 0.47
CA VAL B 6 17.59 -21.33 0.62
C VAL B 6 17.21 -21.38 2.12
N LYS B 7 18.13 -21.91 2.97
CA LYS B 7 18.02 -22.01 4.43
C LYS B 7 17.84 -20.61 5.04
N ARG B 8 18.62 -19.61 4.55
CA ARG B 8 18.58 -18.19 4.98
C ARG B 8 17.20 -17.59 4.75
N LEU B 9 16.68 -17.70 3.49
CA LEU B 9 15.40 -17.16 3.03
C LEU B 9 14.21 -17.81 3.72
N LEU B 10 14.30 -19.13 3.97
CA LEU B 10 13.24 -19.87 4.67
C LEU B 10 13.02 -19.38 6.09
N GLY B 11 14.07 -18.88 6.74
CA GLY B 11 14.02 -18.31 8.09
C GLY B 11 13.13 -17.09 8.18
N TRP B 12 12.81 -16.48 7.00
CA TRP B 12 11.97 -15.29 6.84
C TRP B 12 10.54 -15.62 6.45
N LYS B 13 10.20 -16.92 6.25
CA LYS B 13 8.85 -17.40 5.98
C LYS B 13 7.93 -16.90 7.09
N LYS B 14 6.68 -16.55 6.75
CA LYS B 14 5.75 -16.10 7.78
C LYS B 14 4.78 -17.21 8.17
N SER B 15 4.21 -17.13 9.41
CA SER B 15 3.22 -18.08 9.95
C SER B 15 2.29 -17.44 10.98
N ASN B 28 1.00 -30.25 9.08
CA ASN B 28 1.95 -29.16 9.26
C ASN B 28 3.25 -29.40 8.46
N GLY B 29 3.80 -30.61 8.57
CA GLY B 29 5.03 -31.05 7.92
C GLY B 29 4.99 -31.11 6.41
N GLN B 30 3.80 -31.41 5.82
CA GLN B 30 3.57 -31.49 4.37
C GLN B 30 3.77 -30.12 3.72
N GLU B 31 3.31 -29.04 4.41
CA GLU B 31 3.43 -27.65 3.98
C GLU B 31 4.86 -27.10 4.17
N GLU B 32 5.55 -27.56 5.23
CA GLU B 32 6.93 -27.18 5.56
C GLU B 32 7.86 -27.55 4.40
N LYS B 33 7.66 -28.76 3.83
CA LYS B 33 8.39 -29.27 2.67
C LYS B 33 7.99 -28.50 1.40
N TRP B 34 6.68 -28.11 1.25
CA TRP B 34 6.22 -27.38 0.06
C TRP B 34 6.82 -26.00 -0.07
N SER B 35 6.79 -25.24 1.03
CA SER B 35 7.35 -23.90 1.11
C SER B 35 8.85 -23.88 0.78
N GLU B 36 9.58 -24.97 1.13
CA GLU B 36 11.00 -25.19 0.85
C GLU B 36 11.17 -25.37 -0.66
N LYS B 37 10.25 -26.13 -1.27
CA LYS B 37 10.24 -26.44 -2.69
C LYS B 37 10.05 -25.18 -3.50
N ALA B 38 9.07 -24.34 -3.10
CA ALA B 38 8.77 -23.05 -3.71
C ALA B 38 10.01 -22.14 -3.64
N VAL B 39 10.69 -22.09 -2.47
CA VAL B 39 11.92 -21.30 -2.32
C VAL B 39 13.03 -21.82 -3.24
N LYS B 40 13.32 -23.15 -3.19
CA LYS B 40 14.37 -23.76 -4.03
C LYS B 40 14.12 -23.54 -5.53
N SER B 41 12.83 -23.53 -5.97
CA SER B 41 12.40 -23.27 -7.35
C SER B 41 12.79 -21.88 -7.82
N LEU B 42 12.45 -20.85 -7.00
CA LEU B 42 12.75 -19.46 -7.29
C LEU B 42 14.26 -19.21 -7.31
N VAL B 43 14.98 -19.71 -6.27
CA VAL B 43 16.42 -19.61 -6.13
C VAL B 43 17.12 -20.16 -7.39
N LYS B 44 16.69 -21.34 -7.90
CA LYS B 44 17.25 -21.94 -9.12
C LYS B 44 17.11 -20.98 -10.33
N LYS B 45 15.92 -20.34 -10.48
CA LYS B 45 15.60 -19.38 -11.54
C LYS B 45 16.44 -18.08 -11.45
N LEU B 46 16.55 -17.47 -10.23
CA LEU B 46 17.29 -16.23 -9.98
C LEU B 46 18.82 -16.35 -9.99
N LYS B 47 19.38 -17.55 -9.69
CA LYS B 47 20.83 -17.75 -9.74
C LYS B 47 21.37 -17.52 -11.15
N LYS B 48 20.50 -17.73 -12.17
CA LYS B 48 20.77 -17.56 -13.61
C LYS B 48 20.72 -16.09 -14.02
N THR B 49 19.87 -15.29 -13.37
CA THR B 49 19.66 -13.88 -13.70
C THR B 49 20.39 -12.89 -12.77
N GLY B 50 21.01 -13.41 -11.70
CA GLY B 50 21.77 -12.60 -10.73
C GLY B 50 20.94 -11.71 -9.84
N ARG B 51 19.59 -11.89 -9.85
CA ARG B 51 18.66 -11.10 -9.02
C ARG B 51 18.43 -11.74 -7.64
N LEU B 52 19.23 -12.78 -7.29
CA LEU B 52 19.16 -13.49 -6.01
C LEU B 52 19.59 -12.60 -4.86
N ASP B 53 20.61 -11.75 -5.09
CA ASP B 53 21.09 -10.81 -4.09
C ASP B 53 20.02 -9.74 -3.77
N GLU B 54 19.31 -9.23 -4.81
CA GLU B 54 18.22 -8.24 -4.64
C GLU B 54 17.09 -8.81 -3.83
N LEU B 55 16.75 -10.11 -4.05
CA LEU B 55 15.66 -10.76 -3.32
C LEU B 55 15.99 -10.87 -1.84
N GLU B 56 17.23 -11.29 -1.51
CA GLU B 56 17.69 -11.41 -0.13
C GLU B 56 17.64 -10.04 0.55
N LYS B 57 18.08 -8.99 -0.19
CA LYS B 57 18.10 -7.60 0.26
C LYS B 57 16.66 -7.09 0.54
N ALA B 58 15.71 -7.38 -0.37
CA ALA B 58 14.32 -6.97 -0.20
C ALA B 58 13.68 -7.69 1.01
N ILE B 59 13.84 -9.04 1.10
CA ILE B 59 13.31 -9.88 2.19
C ILE B 59 13.83 -9.43 3.56
N THR B 60 15.18 -9.33 3.73
CA THR B 60 15.86 -8.97 4.98
C THR B 60 15.73 -7.50 5.36
N THR B 61 15.83 -6.54 4.41
CA THR B 61 15.71 -5.12 4.76
C THR B 61 14.27 -4.60 4.74
N GLN B 62 13.32 -5.33 4.07
CA GLN B 62 11.89 -4.96 3.89
C GLN B 62 11.78 -3.62 3.15
N ASN B 63 12.72 -3.40 2.21
CA ASN B 63 12.89 -2.18 1.42
C ASN B 63 12.04 -2.19 0.13
N MET B 64 11.11 -1.22 0.03
CA MET B 64 10.21 -1.05 -1.13
C MET B 64 10.99 -0.54 -2.37
N ASN B 65 12.17 0.08 -2.17
CA ASN B 65 12.98 0.67 -3.24
C ASN B 65 14.03 -0.29 -3.83
N THR B 66 13.95 -1.60 -3.53
CA THR B 66 14.84 -2.60 -4.12
C THR B 66 14.43 -2.79 -5.59
N LYS B 67 15.31 -3.40 -6.40
CA LYS B 67 15.02 -3.67 -7.82
C LYS B 67 13.92 -4.78 -7.97
N CYS B 68 13.35 -4.94 -9.19
CA CYS B 68 12.35 -5.98 -9.43
C CYS B 68 13.03 -7.35 -9.45
N VAL B 69 12.41 -8.36 -8.86
CA VAL B 69 12.93 -9.72 -8.78
C VAL B 69 12.01 -10.51 -9.68
N THR B 70 12.42 -10.68 -10.94
CA THR B 70 11.58 -11.28 -11.97
C THR B 70 11.88 -12.70 -12.35
N ILE B 71 10.82 -13.39 -12.78
CA ILE B 71 10.84 -14.71 -13.37
C ILE B 71 9.99 -14.66 -14.66
N PRO B 72 10.30 -15.49 -15.69
CA PRO B 72 9.47 -15.48 -16.92
C PRO B 72 7.97 -15.71 -16.71
N ARG B 73 7.11 -14.95 -17.44
CA ARG B 73 5.66 -15.07 -17.41
C ARG B 73 5.24 -16.29 -18.22
N SER B 74 4.46 -17.21 -17.62
CA SER B 74 3.91 -18.37 -18.33
C SER B 74 2.63 -17.84 -19.03
N LEU B 75 2.11 -18.55 -20.06
CA LEU B 75 0.93 -18.12 -20.80
C LEU B 75 -0.31 -17.87 -19.96
N ASP B 76 -0.54 -18.66 -18.90
CA ASP B 76 -1.73 -18.47 -18.07
C ASP B 76 -1.43 -17.69 -16.79
N GLY B 77 -0.14 -17.45 -16.55
CA GLY B 77 0.34 -16.70 -15.40
C GLY B 77 0.75 -17.57 -14.23
N ARG B 78 0.31 -18.82 -14.23
CA ARG B 78 0.60 -19.71 -13.11
C ARG B 78 2.03 -20.31 -13.14
N LEU B 79 2.43 -20.77 -11.96
CA LEU B 79 3.66 -21.39 -11.60
C LEU B 79 3.27 -22.63 -10.85
N GLN B 80 3.85 -23.78 -11.24
CA GLN B 80 3.65 -25.04 -10.57
C GLN B 80 4.86 -25.37 -9.73
N VAL B 81 4.62 -25.73 -8.46
CA VAL B 81 5.65 -26.15 -7.51
C VAL B 81 5.10 -27.38 -6.86
N SER B 82 5.79 -28.54 -7.03
CA SER B 82 5.41 -29.81 -6.43
C SER B 82 3.89 -30.10 -6.45
N HIS B 83 3.34 -30.13 -7.66
CA HIS B 83 1.98 -30.52 -8.05
C HIS B 83 0.92 -29.44 -7.89
N ARG B 84 1.24 -28.37 -7.17
CA ARG B 84 0.35 -27.25 -6.92
C ARG B 84 0.59 -26.08 -7.85
N LYS B 85 -0.50 -25.52 -8.39
CA LYS B 85 -0.49 -24.37 -9.31
C LYS B 85 -0.94 -23.14 -8.58
N GLY B 86 -0.45 -21.98 -9.04
CA GLY B 86 -0.75 -20.69 -8.45
C GLY B 86 0.01 -19.57 -9.13
N LEU B 87 -0.34 -18.32 -8.85
CA LEU B 87 0.30 -17.13 -9.40
C LEU B 87 1.54 -16.85 -8.58
N PRO B 88 2.74 -16.83 -9.21
CA PRO B 88 3.99 -16.70 -8.42
C PRO B 88 4.04 -15.52 -7.46
N HIS B 89 3.60 -14.32 -7.86
CA HIS B 89 3.60 -13.15 -6.96
C HIS B 89 2.77 -13.38 -5.70
N VAL B 90 1.63 -14.10 -5.81
CA VAL B 90 0.76 -14.45 -4.68
C VAL B 90 1.49 -15.47 -3.82
N ILE B 91 2.10 -16.49 -4.44
CA ILE B 91 2.86 -17.56 -3.76
C ILE B 91 3.96 -16.96 -2.87
N TYR B 92 4.81 -16.07 -3.45
CA TYR B 92 5.94 -15.48 -2.73
C TYR B 92 5.52 -14.34 -1.77
N CYS B 93 4.39 -13.66 -2.02
CA CYS B 93 3.86 -12.68 -1.07
C CYS B 93 3.26 -13.42 0.14
N ARG B 94 2.58 -14.58 -0.10
CA ARG B 94 2.01 -15.44 0.97
C ARG B 94 3.13 -15.97 1.87
N LEU B 95 4.18 -16.49 1.24
CA LEU B 95 5.35 -17.07 1.88
C LEU B 95 6.06 -16.12 2.83
N TRP B 96 6.46 -14.92 2.35
CA TRP B 96 7.26 -13.98 3.13
C TRP B 96 6.54 -12.81 3.73
N ARG B 97 5.26 -12.60 3.44
CA ARG B 97 4.58 -11.45 4.01
C ARG B 97 3.25 -11.77 4.66
N TRP B 98 2.29 -12.28 3.86
CA TRP B 98 0.91 -12.53 4.26
C TRP B 98 0.52 -14.00 4.18
N PRO B 99 0.76 -14.83 5.23
CA PRO B 99 0.43 -16.27 5.14
C PRO B 99 -1.05 -16.59 4.90
N ASP B 100 -1.92 -15.67 5.29
CA ASP B 100 -3.37 -15.78 5.17
C ASP B 100 -3.91 -15.28 3.83
N LEU B 101 -3.05 -14.73 2.96
CA LEU B 101 -3.46 -14.19 1.66
C LEU B 101 -4.21 -15.25 0.83
N HIS B 102 -5.30 -14.85 0.13
CA HIS B 102 -6.11 -15.78 -0.66
C HIS B 102 -6.16 -15.48 -2.18
N SER B 103 -6.06 -14.19 -2.58
CA SER B 103 -6.18 -13.81 -3.98
C SER B 103 -5.17 -12.77 -4.46
N HIS B 104 -5.05 -12.60 -5.80
CA HIS B 104 -4.20 -11.60 -6.43
C HIS B 104 -4.87 -10.25 -6.34
N HIS B 105 -6.18 -10.21 -6.05
CA HIS B 105 -7.02 -9.03 -5.88
C HIS B 105 -6.73 -8.31 -4.57
N GLU B 106 -6.10 -9.00 -3.61
CA GLU B 106 -5.71 -8.45 -2.32
C GLU B 106 -4.33 -7.83 -2.45
N LEU B 107 -3.75 -7.82 -3.66
CA LEU B 107 -2.41 -7.28 -3.91
C LEU B 107 -2.45 -6.18 -4.95
N LYS B 108 -1.78 -5.07 -4.69
CA LYS B 108 -1.63 -3.95 -5.61
C LYS B 108 -0.15 -3.62 -5.65
N ALA B 109 0.47 -3.65 -6.84
CA ALA B 109 1.88 -3.35 -6.99
C ALA B 109 2.16 -1.86 -6.80
N ILE B 110 3.39 -1.52 -6.38
CA ILE B 110 3.85 -0.14 -6.20
C ILE B 110 4.09 0.50 -7.60
N GLU B 111 4.07 1.84 -7.70
CA GLU B 111 4.29 2.52 -8.98
C GLU B 111 5.69 2.23 -9.54
N ASN B 112 6.69 2.13 -8.65
CA ASN B 112 8.10 1.84 -8.97
C ASN B 112 8.30 0.40 -9.49
N CYS B 113 7.32 -0.50 -9.31
CA CYS B 113 7.43 -1.87 -9.80
C CYS B 113 7.24 -1.95 -11.30
N GLU B 114 8.36 -2.08 -12.03
CA GLU B 114 8.43 -2.13 -13.49
C GLU B 114 7.79 -3.38 -14.10
N TYR B 115 7.92 -4.54 -13.44
CA TYR B 115 7.41 -5.81 -13.95
C TYR B 115 6.24 -6.41 -13.13
N ALA B 116 5.34 -5.55 -12.63
CA ALA B 116 4.16 -5.96 -11.87
C ALA B 116 3.37 -7.03 -12.62
N PHE B 117 2.69 -7.90 -11.87
CA PHE B 117 1.88 -8.97 -12.43
C PHE B 117 0.77 -8.43 -13.36
N ASN B 118 0.08 -7.35 -12.95
CA ASN B 118 -1.03 -6.78 -13.73
C ASN B 118 -0.60 -6.17 -15.09
N LEU B 119 0.71 -5.83 -15.23
CA LEU B 119 1.28 -5.24 -16.45
C LEU B 119 1.41 -6.24 -17.58
N LYS B 120 1.42 -7.55 -17.24
CA LYS B 120 1.49 -8.68 -18.17
C LYS B 120 2.69 -8.57 -19.17
N LYS B 121 3.85 -8.19 -18.62
CA LYS B 121 5.12 -8.06 -19.35
C LYS B 121 5.69 -9.47 -19.55
N ASP B 122 6.80 -9.59 -20.33
CA ASP B 122 7.43 -10.90 -20.60
C ASP B 122 8.09 -11.55 -19.35
N GLU B 123 8.31 -10.75 -18.29
CA GLU B 123 8.85 -11.14 -16.97
C GLU B 123 7.86 -10.64 -15.86
N VAL B 124 7.68 -11.41 -14.78
CA VAL B 124 6.77 -11.06 -13.67
C VAL B 124 7.55 -10.84 -12.38
N CYS B 125 7.27 -9.76 -11.65
CA CYS B 125 7.99 -9.47 -10.41
C CYS B 125 7.38 -10.19 -9.24
N VAL B 126 8.23 -10.90 -8.50
CA VAL B 126 7.83 -11.68 -7.32
C VAL B 126 8.49 -11.12 -6.05
N ASN B 127 8.94 -9.83 -6.10
CA ASN B 127 9.54 -9.12 -4.97
C ASN B 127 8.38 -8.79 -4.05
N PRO B 128 8.24 -9.46 -2.87
CA PRO B 128 7.07 -9.21 -2.02
C PRO B 128 6.92 -7.78 -1.54
N TYR B 129 7.99 -6.99 -1.66
CA TYR B 129 7.98 -5.61 -1.18
C TYR B 129 7.70 -4.63 -2.30
N HIS B 130 7.21 -5.16 -3.44
CA HIS B 130 6.73 -4.39 -4.58
C HIS B 130 5.22 -4.51 -4.68
N TYR B 131 4.60 -5.24 -3.70
CA TYR B 131 3.16 -5.46 -3.60
C TYR B 131 2.62 -5.00 -2.23
N GLN B 132 1.43 -4.42 -2.24
CA GLN B 132 0.76 -3.87 -1.07
C GLN B 132 -0.57 -4.59 -0.89
N ARG B 133 -0.90 -4.97 0.36
CA ARG B 133 -2.17 -5.64 0.62
C ARG B 133 -3.33 -4.68 0.56
N VAL B 134 -4.34 -5.00 -0.30
CA VAL B 134 -5.59 -4.29 -0.59
C VAL B 134 -6.71 -4.84 0.28
#